data_8R8K
#
_entry.id   8R8K
#
_cell.length_a   1.00
_cell.length_b   1.00
_cell.length_c   1.00
_cell.angle_alpha   90.00
_cell.angle_beta   90.00
_cell.angle_gamma   90.00
#
_symmetry.space_group_name_H-M   'P 1'
#
loop_
_entity.id
_entity.type
_entity.pdbx_description
1 polymer 'Spike glycoprotein,Fibritin'
2 polymer 'XBB-4 Fab Heavy chain'
3 polymer 'XBB-4 Fab Light chain'
#
loop_
_entity_poly.entity_id
_entity_poly.type
_entity_poly.pdbx_seq_one_letter_code
_entity_poly.pdbx_strand_id
1 'polypeptide(L)'
;MFVFLVLLPLVSSQCVNLITRTQSYTNSFTRGVYYPDKVFRSSVLHSTQDLFLPFFSNVTWFHAIHVSGTNGTKRFDNPV
LPFNDGVYFASTEKSNIIRGWIFGTTLDSKTQSLLIVNNATNVVIKVCEFQFCNDPFLDVYYHKNNKSWMESEFRVYSSA
NNCTFEYVSQPFLMDLEGKQGNFKNLREFVFKNIDGYFKIYSKHTPINLGRDLPQGFSALEPLVDLPIGINITRFQTLLA
LHRSYLTPGDSSSGWTAGAAAYYVGYLQPRTFLLKYNENGTITDAVDCALDPLSETKCTLKSFTVEKGIYQTSNFRVQPT
ESIVRFPNITNLCPFDEVFNATRFASVYAWNRKRISNCVADYSVLYNFAPFFAFKCYGVSPTKLNDLCFTNVYADSFVIR
GNEVSQIAPGQTGNIADYNYKLPDDFTGCVIAWNSNKLDSKVGGNYNYQYRLFRKSNLKPFERDISTEIYQAGNKPCNGV
AGFNCYFPLRSYGFRPTYGVGHQPYRVVVLSFELLHAPATVCGPKKSTNLVKNKCVNFNFNGLTGTGVLTESNKKFLPFQ
QFGRDIADTTDAVRDPQTLEILDITPCSFGGVSVITPGTNTSNQVAVLYQGVNCTEVPVAIHADQLTPTWRVYSTGSNVF
QTRAGCLIGAEYVNNSYECDIPIGAGICASYQTQTKSHRRARSVASQSIIAYTMSLGAENLVAYSNNSIAIPTNFTISVT
TEILPVSMTKTSVDCTMYICGDSTECSNLLLQYGSFCTQLKRALTGIAVEQDKNTQEVFAQVKQIYKTPPIKYFGGFNFS
QILPDPSKPSKRSFIEDLLFNKVTLADAGFIKQYGDCLGDIAARDLICAQKFNGLTVLPPLLTDEMIAQYTSALLAGTIT
SGWTFGAGAALQIPFAMQMAYRFNGIGVTQNVLYENQKLIANQFNSAIGKIQDSLSSTASALGKLQDVVNHNAQALNTLV
KQLSSKFGAISSVLNDILSRLDKVEAEVQIDRLITGRLQSLQTYVTQQLIRAAEIRASANLAATKMSECVLGQSKRVDFC
GKGYHLMSFPQSAPHGVVFLHVTYVPAQEKNFTTAPAICHDGKAHFPREGVFVSNGTHWFVTQRNFYEPQIITTDNTFVS
GNCDVVIGIVNNTVYDPLQPELDSFKEELDKYFKNHTSPDVDLGDISGINASVVNIQKEIDRLNEVAKNLNESLIDLQEL
GKYEQGSGYIPEAPRDGQAYVRKDGEWVLLSTFLGRSLEVLFQGPGHHHHHHHHGSAWSHPQFEKGGGSGGGSGGSAWSH
PQFEK
;
A
2 'polypeptide(L)'
;EVQLVQSGGGLVKPGGSLRLSCAASGFSFTNAWMNWVRQAPGKGLEWVGRIKSKADGGTTDYAAPVKGKFTISRDDSKNT
LYLQMNSLKTEDTAIYYCTSDVYDFSTGFGQRDDFDYWGQGTLVTVSSASTKGPSVFPLAPSSKSTSGGTAALGCLVKDY
FPEPVTVSWNSGALTSGVHTFPAVLQSSGLYSLSSVVTVPSSSLGTQTYICNVNHKPSNTKVDKKVEPKSCDK
;
H
3 'polypeptide(L)'
;DIVMTQSPSSLSASVGDRVTITCRASQSISYFLNWYQQKPGKAPKLLISAASSLQSGVPSRFSGSGSGTDFTLTISSLQP
EDFATYYCQQSYSSLITFGGGTKVEIKRTVAAPSVFIFPPSDEQLKSGTASVVCLLNNFYPREAKVQWKVDNALQSGNSQ
ESVTEQDSKDSTYSLSSTLTLSKADYEKHKVYACEVTHQGLSSPVTKSFNRGEC
;
L
#
# COMPACT_ATOMS: atom_id res chain seq x y z
N SER A 313 -24.89 9.93 57.31
CA SER A 313 -24.17 9.94 56.04
C SER A 313 -22.73 10.39 56.25
N ASN A 314 -21.99 10.51 55.16
CA ASN A 314 -20.60 10.96 55.19
C ASN A 314 -20.47 12.25 54.39
N PHE A 315 -19.88 13.27 55.01
CA PHE A 315 -19.72 14.55 54.35
C PHE A 315 -18.45 14.58 53.51
N ARG A 316 -18.52 15.27 52.38
CA ARG A 316 -17.37 15.46 51.50
C ARG A 316 -17.35 16.90 51.01
N VAL A 317 -16.17 17.35 50.62
CA VAL A 317 -16.02 18.66 50.01
C VAL A 317 -16.21 18.52 48.49
N GLN A 318 -16.94 19.47 47.91
CA GLN A 318 -17.19 19.39 46.48
C GLN A 318 -16.19 20.25 45.70
N PRO A 319 -15.83 19.82 44.49
CA PRO A 319 -14.91 20.61 43.68
C PRO A 319 -15.53 21.92 43.22
N THR A 320 -14.68 22.90 42.99
CA THR A 320 -15.10 24.21 42.49
C THR A 320 -14.62 24.51 41.09
N GLU A 321 -13.50 23.94 40.65
CA GLU A 321 -12.95 24.18 39.33
C GLU A 321 -12.54 22.86 38.70
N SER A 322 -12.46 22.87 37.38
CA SER A 322 -11.97 21.74 36.59
C SER A 322 -10.82 22.22 35.72
N ILE A 323 -9.65 21.58 35.87
CA ILE A 323 -8.44 21.99 35.18
C ILE A 323 -7.94 20.84 34.32
N VAL A 324 -7.44 21.16 33.14
CA VAL A 324 -6.86 20.20 32.22
C VAL A 324 -5.46 20.68 31.87
N ARG A 325 -4.48 19.77 31.98
CA ARG A 325 -3.09 20.09 31.64
C ARG A 325 -2.64 19.11 30.57
N PHE A 326 -2.41 19.64 29.36
CA PHE A 326 -1.97 18.85 28.23
C PHE A 326 -0.66 19.41 27.68
N PRO A 327 0.17 18.59 27.04
CA PRO A 327 1.44 19.09 26.52
C PRO A 327 1.24 20.18 25.48
N ASN A 328 2.17 21.13 25.46
CA ASN A 328 2.13 22.26 24.53
C ASN A 328 2.58 21.76 23.16
N ILE A 329 1.66 21.09 22.46
CA ILE A 329 1.93 20.47 21.17
C ILE A 329 0.98 21.09 20.14
N THR A 330 1.54 21.52 19.02
CA THR A 330 0.77 22.16 17.95
C THR A 330 0.54 21.25 16.74
N ASN A 331 1.49 20.38 16.43
CA ASN A 331 1.42 19.60 15.20
C ASN A 331 0.20 18.67 15.20
N LEU A 332 -0.28 18.39 13.99
CA LEU A 332 -1.42 17.50 13.78
C LEU A 332 -0.93 16.16 13.26
N CYS A 333 -1.46 15.07 13.82
CA CYS A 333 -1.02 13.74 13.45
C CYS A 333 -1.36 13.44 11.98
N PRO A 334 -0.50 12.69 11.29
CA PRO A 334 -0.72 12.42 9.86
C PRO A 334 -1.65 11.23 9.62
N PHE A 335 -2.89 11.33 10.10
CA PHE A 335 -3.88 10.31 9.83
C PHE A 335 -4.41 10.37 8.41
N ASP A 336 -4.36 11.54 7.78
CA ASP A 336 -4.82 11.67 6.39
C ASP A 336 -3.97 10.81 5.46
N GLU A 337 -2.65 10.81 5.63
CA GLU A 337 -1.80 10.01 4.77
C GLU A 337 -1.91 8.52 5.08
N VAL A 338 -2.25 8.17 6.32
CA VAL A 338 -2.46 6.76 6.65
C VAL A 338 -3.75 6.27 6.02
N PHE A 339 -4.82 7.06 6.09
CA PHE A 339 -6.12 6.63 5.62
C PHE A 339 -6.34 6.94 4.14
N ASN A 340 -6.05 8.16 3.69
CA ASN A 340 -6.19 8.52 2.29
C ASN A 340 -4.91 8.20 1.50
N ALA A 341 -4.53 6.94 1.56
CA ALA A 341 -3.40 6.43 0.80
C ALA A 341 -3.88 5.86 -0.53
N THR A 342 -3.07 6.04 -1.56
CA THR A 342 -3.44 5.53 -2.88
C THR A 342 -3.55 4.01 -2.87
N ARG A 343 -2.60 3.34 -2.20
CA ARG A 343 -2.58 1.89 -2.13
C ARG A 343 -2.31 1.45 -0.71
N PHE A 344 -2.81 0.26 -0.38
CA PHE A 344 -2.57 -0.36 0.91
C PHE A 344 -1.70 -1.60 0.74
N ALA A 345 -0.85 -1.85 1.74
CA ALA A 345 0.07 -2.98 1.68
C ALA A 345 -0.69 -4.30 1.75
N SER A 346 -0.05 -5.36 1.27
CA SER A 346 -0.62 -6.69 1.36
C SER A 346 -0.69 -7.13 2.82
N VAL A 347 -1.63 -8.03 3.10
CA VAL A 347 -1.88 -8.43 4.49
C VAL A 347 -0.66 -9.15 5.06
N TYR A 348 0.03 -9.95 4.26
CA TYR A 348 1.21 -10.64 4.75
C TYR A 348 2.35 -9.67 5.06
N ALA A 349 2.38 -8.52 4.39
CA ALA A 349 3.42 -7.52 4.60
C ALA A 349 2.79 -6.19 5.02
N TRP A 350 1.88 -6.24 5.99
CA TRP A 350 1.11 -5.07 6.41
C TRP A 350 2.04 -3.90 6.73
N ASN A 351 1.58 -2.70 6.40
CA ASN A 351 2.41 -1.51 6.56
C ASN A 351 2.22 -0.92 7.94
N ARG A 352 3.31 -0.76 8.68
CA ARG A 352 3.30 -0.24 10.04
C ARG A 352 3.89 1.16 10.06
N LYS A 353 3.17 2.10 10.66
CA LYS A 353 3.62 3.48 10.78
C LYS A 353 3.54 3.91 12.24
N ARG A 354 4.57 4.63 12.68
CA ARG A 354 4.66 5.11 14.05
C ARG A 354 4.16 6.56 14.12
N ILE A 355 3.19 6.81 14.99
CA ILE A 355 2.61 8.12 15.19
C ILE A 355 2.92 8.55 16.61
N SER A 356 3.62 9.69 16.75
CA SER A 356 3.99 10.23 18.04
C SER A 356 4.27 11.72 17.89
N ASN A 357 4.23 12.41 19.03
CA ASN A 357 4.52 13.85 19.09
C ASN A 357 3.64 14.66 18.15
N CYS A 358 2.34 14.46 18.28
CA CYS A 358 1.37 15.22 17.50
C CYS A 358 0.01 15.14 18.19
N VAL A 359 -0.87 16.05 17.81
CA VAL A 359 -2.24 16.06 18.32
C VAL A 359 -3.09 15.20 17.40
N ALA A 360 -3.74 14.19 17.98
CA ALA A 360 -4.51 13.20 17.23
C ALA A 360 -5.98 13.58 17.28
N ASP A 361 -6.50 14.10 16.17
CA ASP A 361 -7.91 14.47 16.06
C ASP A 361 -8.66 13.34 15.39
N TYR A 362 -9.35 12.53 16.18
CA TYR A 362 -10.13 11.41 15.64
C TYR A 362 -11.50 11.83 15.13
N SER A 363 -11.92 13.07 15.40
CA SER A 363 -13.20 13.54 14.90
C SER A 363 -13.24 13.59 13.37
N VAL A 364 -12.07 13.57 12.72
CA VAL A 364 -12.01 13.53 11.27
C VAL A 364 -11.97 12.11 10.72
N LEU A 365 -11.82 11.10 11.59
CA LEU A 365 -11.67 9.73 11.11
C LEU A 365 -12.89 9.28 10.31
N TYR A 366 -14.07 9.64 10.79
CA TYR A 366 -15.31 9.23 10.14
C TYR A 366 -15.46 9.88 8.77
N ASN A 367 -14.61 10.85 8.47
CA ASN A 367 -14.65 11.54 7.19
C ASN A 367 -14.10 10.72 6.03
N PHE A 368 -13.77 9.45 6.27
CA PHE A 368 -13.27 8.55 5.23
C PHE A 368 -14.22 7.36 5.13
N ALA A 369 -15.25 7.50 4.28
CA ALA A 369 -16.21 6.46 3.93
C ALA A 369 -17.12 6.07 5.08
N PRO A 370 -18.29 5.49 4.80
CA PRO A 370 -19.17 5.01 5.88
C PRO A 370 -18.65 3.76 6.54
N PHE A 371 -17.79 3.93 7.55
CA PHE A 371 -17.09 2.86 8.25
C PHE A 371 -17.92 1.60 8.43
N PHE A 372 -17.40 0.47 7.92
CA PHE A 372 -18.07 -0.80 8.10
C PHE A 372 -17.81 -1.39 9.48
N ALA A 373 -16.66 -1.08 10.08
CA ALA A 373 -16.32 -1.59 11.40
C ALA A 373 -15.39 -0.60 12.09
N PHE A 374 -15.68 -0.31 13.35
CA PHE A 374 -14.88 0.62 14.14
C PHE A 374 -14.69 0.06 15.54
N LYS A 375 -14.33 -1.22 15.65
CA LYS A 375 -14.36 -1.90 16.94
C LYS A 375 -13.13 -1.52 17.76
N CYS A 376 -13.36 -0.91 18.92
CA CYS A 376 -12.29 -0.46 19.80
C CYS A 376 -12.26 -1.35 21.03
N TYR A 377 -11.08 -1.93 21.30
CA TYR A 377 -10.88 -2.81 22.44
C TYR A 377 -10.10 -2.06 23.51
N GLY A 378 -10.69 -1.96 24.70
CA GLY A 378 -10.06 -1.29 25.82
C GLY A 378 -10.45 0.17 25.98
N VAL A 379 -10.96 0.80 24.92
CA VAL A 379 -11.40 2.18 24.94
C VAL A 379 -12.71 2.28 24.16
N SER A 380 -13.25 3.48 24.07
CA SER A 380 -14.42 3.74 23.24
C SER A 380 -14.13 4.88 22.28
N PRO A 381 -14.68 4.82 21.06
CA PRO A 381 -14.38 5.89 20.09
C PRO A 381 -14.78 7.27 20.56
N THR A 382 -15.94 7.40 21.21
CA THR A 382 -16.43 8.71 21.62
C THR A 382 -15.50 9.36 22.64
N LYS A 383 -14.73 8.57 23.37
CA LYS A 383 -13.79 9.08 24.36
C LYS A 383 -12.39 9.26 23.81
N LEU A 384 -12.15 8.92 22.53
CA LEU A 384 -10.79 8.98 22.01
C LEU A 384 -10.21 10.38 22.01
N ASN A 385 -11.05 11.41 22.09
CA ASN A 385 -10.57 12.78 22.12
C ASN A 385 -10.22 13.27 23.52
N ASP A 386 -10.41 12.44 24.54
CA ASP A 386 -10.13 12.82 25.92
C ASP A 386 -8.95 12.07 26.52
N LEU A 387 -8.21 11.31 25.70
CA LEU A 387 -7.13 10.46 26.20
C LEU A 387 -5.79 10.96 25.66
N CYS A 388 -4.72 10.53 26.34
CA CYS A 388 -3.34 10.88 25.98
C CYS A 388 -2.52 9.60 25.93
N PHE A 389 -2.48 8.98 24.76
CA PHE A 389 -1.66 7.79 24.56
C PHE A 389 -0.19 8.18 24.41
N THR A 390 0.68 7.18 24.51
CA THR A 390 2.12 7.39 24.43
C THR A 390 2.65 7.21 23.01
N ASN A 391 2.47 6.02 22.44
CA ASN A 391 2.86 5.74 21.06
C ASN A 391 1.67 5.15 20.33
N VAL A 392 1.49 5.54 19.07
CA VAL A 392 0.44 5.00 18.22
C VAL A 392 1.10 4.20 17.11
N TYR A 393 0.59 3.00 16.85
CA TYR A 393 1.04 2.18 15.74
C TYR A 393 -0.14 1.97 14.81
N ALA A 394 -0.01 2.42 13.57
CA ALA A 394 -1.05 2.27 12.56
C ALA A 394 -0.60 1.20 11.57
N ASP A 395 -1.31 0.09 11.55
CA ASP A 395 -1.04 -1.01 10.64
C ASP A 395 -2.14 -1.06 9.59
N SER A 396 -1.76 -0.85 8.34
CA SER A 396 -2.72 -0.81 7.23
C SER A 396 -2.48 -1.99 6.31
N PHE A 397 -3.58 -2.60 5.85
CA PHE A 397 -3.52 -3.69 4.87
C PHE A 397 -4.91 -3.85 4.24
N VAL A 398 -5.05 -4.87 3.40
CA VAL A 398 -6.30 -5.16 2.70
C VAL A 398 -6.59 -6.65 2.84
N ILE A 399 -7.83 -6.98 3.21
CA ILE A 399 -8.25 -8.37 3.32
C ILE A 399 -9.58 -8.55 2.61
N ARG A 400 -10.17 -9.74 2.73
CA ARG A 400 -11.48 -9.97 2.15
C ARG A 400 -12.56 -9.70 3.19
N GLY A 401 -13.82 -9.79 2.75
CA GLY A 401 -14.95 -9.49 3.61
C GLY A 401 -15.07 -10.40 4.81
N ASN A 402 -15.36 -11.68 4.56
CA ASN A 402 -15.59 -12.62 5.66
C ASN A 402 -14.38 -12.79 6.56
N GLU A 403 -13.19 -12.40 6.11
CA GLU A 403 -11.98 -12.49 6.90
C GLU A 403 -11.81 -11.33 7.88
N VAL A 404 -12.65 -10.29 7.77
CA VAL A 404 -12.50 -9.12 8.62
C VAL A 404 -12.73 -9.47 10.07
N SER A 405 -13.52 -10.51 10.34
CA SER A 405 -13.76 -10.93 11.72
C SER A 405 -12.52 -11.53 12.36
N GLN A 406 -11.49 -11.85 11.59
CA GLN A 406 -10.27 -12.42 12.15
C GLN A 406 -9.34 -11.37 12.75
N ILE A 407 -9.57 -10.09 12.48
CA ILE A 407 -8.71 -9.02 13.00
C ILE A 407 -9.30 -8.62 14.34
N ALA A 408 -8.88 -9.33 15.39
CA ALA A 408 -9.35 -9.13 16.75
C ALA A 408 -8.47 -9.97 17.69
N PRO A 409 -8.29 -9.55 18.93
CA PRO A 409 -7.50 -10.35 19.88
C PRO A 409 -8.13 -11.71 20.10
N GLY A 410 -7.29 -12.73 20.24
CA GLY A 410 -7.75 -14.08 20.50
C GLY A 410 -8.57 -14.68 19.38
N GLN A 411 -8.09 -14.53 18.14
CA GLN A 411 -8.76 -15.08 16.98
C GLN A 411 -7.85 -16.09 16.27
N THR A 412 -8.47 -16.96 15.48
CA THR A 412 -7.75 -17.98 14.74
C THR A 412 -8.25 -18.01 13.30
N GLY A 413 -7.40 -18.50 12.42
CA GLY A 413 -7.71 -18.53 11.00
C GLY A 413 -6.43 -18.33 10.20
N ASN A 414 -6.61 -18.11 8.91
CA ASN A 414 -5.46 -17.88 8.04
C ASN A 414 -4.77 -16.57 8.37
N ILE A 415 -5.53 -15.48 8.44
CA ILE A 415 -4.94 -14.17 8.72
C ILE A 415 -4.37 -14.12 10.12
N ALA A 416 -5.10 -14.65 11.10
CA ALA A 416 -4.64 -14.61 12.48
C ALA A 416 -3.35 -15.40 12.66
N ASP A 417 -3.24 -16.55 12.01
CA ASP A 417 -2.09 -17.42 12.23
C ASP A 417 -0.89 -16.99 11.39
N TYR A 418 -1.08 -16.81 10.09
CA TYR A 418 0.05 -16.69 9.18
C TYR A 418 0.28 -15.28 8.65
N ASN A 419 -0.66 -14.36 8.86
CA ASN A 419 -0.53 -13.01 8.30
C ASN A 419 -0.44 -11.92 9.35
N TYR A 420 -1.39 -11.85 10.29
CA TYR A 420 -1.43 -10.77 11.25
C TYR A 420 -2.12 -11.26 12.51
N LYS A 421 -1.39 -11.28 13.63
CA LYS A 421 -1.90 -11.76 14.90
C LYS A 421 -1.94 -10.61 15.90
N LEU A 422 -3.10 -10.43 16.54
CA LEU A 422 -3.30 -9.41 17.56
C LEU A 422 -3.12 -10.02 18.93
N PRO A 423 -2.32 -9.40 19.80
CA PRO A 423 -2.11 -9.97 21.14
C PRO A 423 -3.39 -9.96 21.96
N ASP A 424 -3.47 -10.91 22.90
CA ASP A 424 -4.67 -11.02 23.73
C ASP A 424 -4.89 -9.75 24.56
N ASP A 425 -3.83 -9.04 24.91
CA ASP A 425 -3.91 -7.80 25.67
C ASP A 425 -4.03 -6.58 24.78
N PHE A 426 -4.63 -6.72 23.60
CA PHE A 426 -4.74 -5.62 22.65
C PHE A 426 -5.55 -4.48 23.24
N THR A 427 -5.03 -3.26 23.10
CA THR A 427 -5.74 -2.05 23.46
C THR A 427 -5.59 -1.05 22.31
N GLY A 428 -6.71 -0.70 21.68
CA GLY A 428 -6.66 0.14 20.50
C GLY A 428 -7.98 0.08 19.76
N CYS A 429 -7.91 0.30 18.45
CA CYS A 429 -9.09 0.31 17.62
C CYS A 429 -8.81 -0.37 16.29
N VAL A 430 -9.86 -0.89 15.68
CA VAL A 430 -9.80 -1.56 14.38
C VAL A 430 -10.84 -0.91 13.47
N ILE A 431 -10.40 -0.52 12.27
CA ILE A 431 -11.24 0.13 11.28
C ILE A 431 -11.18 -0.71 10.01
N ALA A 432 -12.34 -1.05 9.46
CA ALA A 432 -12.42 -1.70 8.17
C ALA A 432 -13.49 -1.01 7.34
N TRP A 433 -13.18 -0.72 6.09
CA TRP A 433 -14.19 -0.17 5.19
C TRP A 433 -14.09 -0.83 3.83
N ASN A 434 -15.24 -1.02 3.19
CA ASN A 434 -15.29 -1.65 1.89
C ASN A 434 -14.59 -0.77 0.86
N SER A 435 -13.77 -1.40 0.02
CA SER A 435 -13.01 -0.68 -1.00
C SER A 435 -13.12 -1.43 -2.33
N ASN A 436 -14.33 -1.81 -2.70
CA ASN A 436 -14.54 -2.50 -3.96
C ASN A 436 -14.32 -1.57 -5.14
N LYS A 437 -14.63 -0.29 -5.00
CA LYS A 437 -14.44 0.66 -6.09
C LYS A 437 -13.00 1.12 -6.25
N LEU A 438 -12.12 0.76 -5.32
CA LEU A 438 -10.72 1.18 -5.38
C LEU A 438 -9.77 0.04 -5.72
N ASP A 439 -9.95 -1.13 -5.12
CA ASP A 439 -8.97 -2.22 -5.20
C ASP A 439 -9.50 -3.44 -5.94
N SER A 440 -10.32 -3.25 -6.97
CA SER A 440 -10.87 -4.35 -7.74
C SER A 440 -10.65 -4.13 -9.23
N LYS A 441 -10.25 -5.20 -9.91
CA LYS A 441 -10.08 -5.22 -11.35
C LYS A 441 -11.14 -6.13 -11.97
N VAL A 442 -11.64 -5.75 -13.15
CA VAL A 442 -12.54 -6.64 -13.87
C VAL A 442 -11.81 -7.89 -14.33
N GLY A 443 -10.48 -7.83 -14.43
CA GLY A 443 -9.68 -9.01 -14.70
C GLY A 443 -9.06 -9.66 -13.50
N GLY A 444 -9.20 -9.04 -12.32
CA GLY A 444 -8.66 -9.59 -11.09
C GLY A 444 -7.51 -8.78 -10.54
N ASN A 445 -7.66 -8.30 -9.31
CA ASN A 445 -6.60 -7.56 -8.62
C ASN A 445 -5.68 -8.56 -7.94
N TYR A 446 -4.50 -8.77 -8.51
CA TYR A 446 -3.55 -9.74 -8.00
C TYR A 446 -2.42 -9.10 -7.20
N ASN A 447 -2.54 -7.81 -6.88
CA ASN A 447 -1.51 -7.14 -6.11
C ASN A 447 -1.52 -7.55 -4.64
N TYR A 448 -2.63 -8.11 -4.17
CA TYR A 448 -2.80 -8.45 -2.76
C TYR A 448 -2.69 -9.97 -2.59
N GLN A 449 -1.82 -10.38 -1.67
CA GLN A 449 -1.58 -11.79 -1.39
C GLN A 449 -1.59 -12.03 0.12
N TYR A 450 -1.90 -13.26 0.50
CA TYR A 450 -1.89 -13.67 1.89
C TYR A 450 -1.12 -14.98 2.03
N ARG A 451 -0.42 -15.13 3.14
CA ARG A 451 0.33 -16.36 3.38
C ARG A 451 -0.64 -17.50 3.71
N LEU A 452 -0.41 -18.66 3.10
CA LEU A 452 -1.29 -19.81 3.24
C LEU A 452 -0.66 -20.97 3.99
N PHE A 453 0.67 -21.00 4.13
CA PHE A 453 1.35 -22.08 4.82
C PHE A 453 2.50 -21.51 5.64
N ARG A 454 2.70 -22.08 6.83
CA ARG A 454 3.81 -21.68 7.69
C ARG A 454 4.09 -22.81 8.67
N LYS A 455 5.30 -22.79 9.22
CA LYS A 455 5.69 -23.80 10.20
C LYS A 455 4.85 -23.69 11.46
N SER A 456 4.61 -22.48 11.94
CA SER A 456 3.87 -22.27 13.18
C SER A 456 3.12 -20.95 13.11
N ASN A 457 2.34 -20.69 14.15
CA ASN A 457 1.56 -19.46 14.23
C ASN A 457 2.47 -18.26 14.48
N LEU A 458 1.96 -17.08 14.15
CA LEU A 458 2.73 -15.85 14.30
C LEU A 458 2.65 -15.33 15.73
N LYS A 459 3.76 -14.76 16.19
CA LYS A 459 3.74 -13.98 17.41
C LYS A 459 3.02 -12.66 17.15
N PRO A 460 2.48 -12.02 18.19
CA PRO A 460 1.77 -10.76 17.98
C PRO A 460 2.64 -9.71 17.32
N PHE A 461 2.06 -9.01 16.34
CA PHE A 461 2.74 -7.95 15.59
C PHE A 461 4.07 -8.42 15.02
N GLU A 462 4.07 -9.61 14.43
CA GLU A 462 5.24 -10.13 13.74
C GLU A 462 4.96 -10.23 12.25
N ARG A 463 5.86 -9.67 11.44
CA ARG A 463 5.70 -9.63 10.00
C ARG A 463 6.59 -10.69 9.35
N ASP A 464 6.00 -11.53 8.51
CA ASP A 464 6.71 -12.61 7.82
C ASP A 464 6.65 -12.32 6.33
N ILE A 465 7.76 -11.87 5.76
CA ILE A 465 7.83 -11.53 4.34
C ILE A 465 8.65 -12.56 3.58
N SER A 466 8.96 -13.69 4.20
CA SER A 466 9.72 -14.73 3.52
C SER A 466 8.89 -15.38 2.42
N THR A 467 9.56 -15.78 1.34
CA THR A 467 8.89 -16.40 0.20
C THR A 467 9.50 -17.76 -0.15
N GLU A 468 10.18 -18.40 0.79
CA GLU A 468 10.78 -19.71 0.54
C GLU A 468 9.68 -20.76 0.33
N ILE A 469 9.98 -21.74 -0.53
CA ILE A 469 9.00 -22.80 -0.79
C ILE A 469 8.75 -23.60 0.48
N TYR A 470 7.48 -23.83 0.76
CA TYR A 470 7.08 -24.52 1.99
C TYR A 470 7.17 -26.03 1.79
N GLN A 471 7.96 -26.68 2.65
CA GLN A 471 8.08 -28.14 2.63
C GLN A 471 7.13 -28.71 3.67
N ALA A 472 6.13 -29.47 3.21
CA ALA A 472 5.14 -30.04 4.10
C ALA A 472 5.53 -31.45 4.57
N GLY A 473 5.78 -32.35 3.61
CA GLY A 473 6.17 -33.71 3.93
C GLY A 473 7.66 -33.85 4.11
N ASN A 474 8.10 -35.11 4.20
CA ASN A 474 9.52 -35.39 4.39
C ASN A 474 10.33 -35.22 3.10
N LYS A 475 9.68 -35.23 1.95
CA LYS A 475 10.38 -35.13 0.68
C LYS A 475 10.93 -33.71 0.51
N PRO A 476 12.24 -33.53 0.32
CA PRO A 476 12.76 -32.19 0.05
C PRO A 476 12.26 -31.65 -1.28
N CYS A 477 12.13 -30.32 -1.33
CA CYS A 477 11.60 -29.65 -2.52
C CYS A 477 12.70 -29.13 -3.44
N ASN A 478 13.88 -28.83 -2.92
CA ASN A 478 15.01 -28.31 -3.70
C ASN A 478 14.64 -27.01 -4.42
N GLY A 479 13.76 -26.21 -3.82
CA GLY A 479 13.37 -24.96 -4.41
C GLY A 479 12.43 -25.07 -5.58
N VAL A 480 11.79 -26.23 -5.76
CA VAL A 480 10.87 -26.45 -6.87
C VAL A 480 9.49 -26.74 -6.30
N ALA A 481 8.49 -26.00 -6.78
CA ALA A 481 7.13 -26.19 -6.32
C ALA A 481 6.51 -27.42 -6.98
N GLY A 482 5.39 -27.86 -6.43
CA GLY A 482 4.69 -29.02 -6.94
C GLY A 482 3.87 -29.68 -5.85
N PHE A 483 3.72 -31.00 -5.97
CA PHE A 483 3.03 -31.77 -4.94
C PHE A 483 3.86 -31.77 -3.65
N ASN A 484 3.16 -31.59 -2.52
CA ASN A 484 3.76 -31.62 -1.19
C ASN A 484 4.72 -30.45 -0.99
N CYS A 485 4.85 -29.59 -2.00
CA CYS A 485 5.70 -28.41 -1.95
C CYS A 485 4.91 -27.24 -2.53
N TYR A 486 4.21 -26.51 -1.67
CA TYR A 486 3.33 -25.43 -2.09
C TYR A 486 4.02 -24.09 -1.91
N PHE A 487 3.69 -23.15 -2.80
CA PHE A 487 4.16 -21.78 -2.63
C PHE A 487 3.49 -21.16 -1.41
N PRO A 488 4.23 -20.53 -0.51
CA PRO A 488 3.63 -20.06 0.75
C PRO A 488 2.52 -19.04 0.58
N LEU A 489 2.60 -18.18 -0.43
CA LEU A 489 1.65 -17.10 -0.61
C LEU A 489 0.62 -17.45 -1.69
N ARG A 490 -0.62 -17.05 -1.45
CA ARG A 490 -1.70 -17.17 -2.43
C ARG A 490 -2.32 -15.81 -2.62
N SER A 491 -2.59 -15.45 -3.87
CA SER A 491 -3.02 -14.10 -4.20
C SER A 491 -4.54 -13.98 -4.19
N TYR A 492 -5.02 -12.82 -3.72
CA TYR A 492 -6.43 -12.51 -3.83
C TYR A 492 -6.83 -12.26 -5.28
N GLY A 493 -8.09 -12.51 -5.59
CA GLY A 493 -8.59 -12.34 -6.93
C GLY A 493 -9.69 -11.31 -7.04
N PHE A 494 -9.54 -10.18 -6.36
CA PHE A 494 -10.62 -9.20 -6.20
C PHE A 494 -11.21 -8.80 -7.55
N ARG A 495 -12.54 -8.86 -7.62
CA ARG A 495 -13.30 -8.49 -8.80
C ARG A 495 -14.49 -7.65 -8.38
N PRO A 496 -14.97 -6.75 -9.25
CA PRO A 496 -16.16 -5.95 -8.90
C PRO A 496 -17.42 -6.78 -8.77
N THR A 497 -17.46 -7.99 -9.31
CA THR A 497 -18.65 -8.84 -9.26
C THR A 497 -18.60 -9.85 -8.12
N TYR A 498 -17.57 -9.82 -7.28
CA TYR A 498 -17.49 -10.75 -6.16
C TYR A 498 -18.53 -10.40 -5.11
N GLY A 499 -18.82 -11.38 -4.25
CA GLY A 499 -19.74 -11.14 -3.15
C GLY A 499 -19.14 -10.25 -2.09
N VAL A 500 -20.01 -9.77 -1.19
CA VAL A 500 -19.57 -8.89 -0.12
C VAL A 500 -18.54 -9.58 0.77
N GLY A 501 -18.71 -10.88 1.00
CA GLY A 501 -17.74 -11.64 1.78
C GLY A 501 -16.43 -11.90 1.05
N HIS A 502 -16.35 -11.59 -0.24
CA HIS A 502 -15.13 -11.76 -1.01
C HIS A 502 -14.60 -10.46 -1.59
N GLN A 503 -15.31 -9.35 -1.44
CA GLN A 503 -14.84 -8.07 -1.93
C GLN A 503 -13.71 -7.54 -1.04
N PRO A 504 -12.82 -6.72 -1.61
CA PRO A 504 -11.72 -6.18 -0.80
C PRO A 504 -12.22 -5.24 0.27
N TYR A 505 -11.53 -5.26 1.42
CA TYR A 505 -11.81 -4.39 2.54
C TYR A 505 -10.48 -3.84 3.05
N ARG A 506 -10.42 -2.51 3.19
CA ARG A 506 -9.22 -1.86 3.70
C ARG A 506 -9.29 -1.78 5.21
N VAL A 507 -8.22 -2.20 5.89
CA VAL A 507 -8.19 -2.32 7.34
C VAL A 507 -7.03 -1.49 7.88
N VAL A 508 -7.34 -0.65 8.86
CA VAL A 508 -6.36 0.15 9.59
C VAL A 508 -6.51 -0.17 11.07
N VAL A 509 -5.43 -0.58 11.70
CA VAL A 509 -5.43 -0.99 13.11
C VAL A 509 -4.57 -0.01 13.88
N LEU A 510 -5.15 0.65 14.88
CA LEU A 510 -4.44 1.57 15.74
C LEU A 510 -4.18 0.89 17.07
N SER A 511 -2.91 0.85 17.49
CA SER A 511 -2.49 0.15 18.70
C SER A 511 -1.94 1.17 19.70
N PHE A 512 -2.82 1.70 20.54
CA PHE A 512 -2.39 2.63 21.58
C PHE A 512 -1.71 1.89 22.73
N GLU A 513 -0.83 2.60 23.42
CA GLU A 513 -0.27 2.15 24.70
C GLU A 513 -0.24 3.35 25.64
N LEU A 514 -0.72 3.17 26.85
CA LEU A 514 -0.94 4.27 27.78
C LEU A 514 0.00 4.19 28.98
N LEU A 515 0.09 5.31 29.71
CA LEU A 515 0.83 5.44 30.96
C LEU A 515 2.34 5.39 30.74
N HIS A 516 3.07 4.92 31.75
CA HIS A 516 4.53 4.81 31.70
C HIS A 516 5.19 6.12 31.25
N ALA A 517 5.87 6.08 30.11
CA ALA A 517 6.60 7.21 29.54
C ALA A 517 5.68 8.40 29.33
N PRO A 518 6.22 9.61 29.20
CA PRO A 518 5.36 10.77 28.95
C PRO A 518 4.56 10.59 27.66
N ALA A 519 3.31 11.04 27.69
CA ALA A 519 2.45 10.92 26.53
C ALA A 519 2.91 11.86 25.43
N THR A 520 3.03 11.33 24.21
CA THR A 520 3.43 12.12 23.06
C THR A 520 2.28 12.50 22.15
N VAL A 521 1.20 11.72 22.14
CA VAL A 521 0.00 12.05 21.37
C VAL A 521 -1.12 12.36 22.36
N CYS A 522 -1.96 13.32 22.01
CA CYS A 522 -3.06 13.73 22.87
C CYS A 522 -4.20 14.22 22.01
N GLY A 523 -5.40 14.23 22.59
CA GLY A 523 -6.55 14.74 21.91
C GLY A 523 -6.59 16.26 21.92
N PRO A 524 -7.53 16.82 21.20
CA PRO A 524 -7.67 18.28 21.14
C PRO A 524 -8.43 18.84 22.34
N LYS A 525 -7.89 18.58 23.53
CA LYS A 525 -8.46 19.08 24.77
C LYS A 525 -7.65 20.31 25.21
N LYS A 526 -8.32 21.45 25.32
CA LYS A 526 -7.64 22.67 25.69
C LYS A 526 -7.14 22.60 27.13
N SER A 527 -5.97 23.17 27.36
CA SER A 527 -5.35 23.20 28.68
C SER A 527 -5.67 24.52 29.37
N THR A 528 -6.16 24.44 30.59
CA THR A 528 -6.53 25.62 31.36
C THR A 528 -5.42 25.98 32.34
N ASN A 529 -5.64 27.06 33.09
CA ASN A 529 -4.67 27.50 34.07
C ASN A 529 -4.63 26.54 35.25
N LEU A 530 -3.43 26.40 35.83
CA LEU A 530 -3.23 25.51 36.96
C LEU A 530 -3.49 26.27 38.26
N VAL A 531 -4.37 25.73 39.09
CA VAL A 531 -4.72 26.32 40.37
C VAL A 531 -4.38 25.35 41.48
N LYS A 532 -3.72 25.84 42.52
CA LYS A 532 -3.32 25.03 43.65
C LYS A 532 -4.09 25.42 44.90
N ASN A 533 -3.95 24.59 45.93
CA ASN A 533 -4.52 24.86 47.25
C ASN A 533 -6.05 24.97 47.22
N LYS A 534 -6.68 24.28 46.28
CA LYS A 534 -8.13 24.23 46.21
C LYS A 534 -8.56 22.81 45.85
N CYS A 535 -9.77 22.45 46.27
CA CYS A 535 -10.34 21.15 45.94
C CYS A 535 -10.93 21.23 44.53
N VAL A 536 -10.21 20.70 43.55
CA VAL A 536 -10.57 20.82 42.15
C VAL A 536 -10.51 19.45 41.48
N ASN A 537 -11.20 19.35 40.34
CA ASN A 537 -11.03 18.23 39.44
C ASN A 537 -9.87 18.53 38.51
N PHE A 538 -9.02 17.53 38.28
CA PHE A 538 -7.83 17.71 37.47
C PHE A 538 -7.73 16.61 36.43
N ASN A 539 -7.15 16.96 35.29
CA ASN A 539 -6.92 16.00 34.20
C ASN A 539 -5.52 16.24 33.68
N PHE A 540 -4.55 15.44 34.15
CA PHE A 540 -3.16 15.53 33.74
C PHE A 540 -2.89 14.43 32.72
N ASN A 541 -2.84 14.82 31.44
CA ASN A 541 -2.50 13.90 30.35
C ASN A 541 -3.38 12.65 30.36
N GLY A 542 -4.68 12.87 30.49
CA GLY A 542 -5.63 11.77 30.53
C GLY A 542 -5.86 11.18 31.91
N LEU A 543 -5.00 11.49 32.87
CA LEU A 543 -5.16 11.03 34.25
C LEU A 543 -6.16 11.96 34.92
N THR A 544 -7.38 11.47 35.12
CA THR A 544 -8.45 12.25 35.73
C THR A 544 -8.51 11.97 37.22
N GLY A 545 -8.92 12.97 37.99
CA GLY A 545 -9.06 12.78 39.41
C GLY A 545 -9.63 14.01 40.08
N THR A 546 -9.80 13.91 41.40
CA THR A 546 -10.27 15.00 42.23
C THR A 546 -9.35 15.14 43.43
N GLY A 547 -9.07 16.37 43.83
CA GLY A 547 -8.24 16.59 44.99
C GLY A 547 -7.69 18.00 45.00
N VAL A 548 -6.73 18.20 45.90
CA VAL A 548 -6.04 19.48 46.05
C VAL A 548 -4.60 19.28 45.62
N LEU A 549 -4.12 20.15 44.74
CA LEU A 549 -2.76 20.09 44.23
C LEU A 549 -1.89 21.04 45.01
N THR A 550 -0.75 20.55 45.48
CA THR A 550 0.15 21.33 46.31
C THR A 550 1.58 21.15 45.83
N GLU A 551 2.44 22.11 46.19
CA GLU A 551 3.84 22.03 45.83
C GLU A 551 4.50 20.84 46.51
N SER A 552 5.47 20.24 45.81
CA SER A 552 6.11 19.01 46.26
C SER A 552 7.58 19.23 46.54
N ASN A 553 8.09 18.52 47.55
CA ASN A 553 9.51 18.45 47.85
C ASN A 553 10.13 17.15 47.36
N LYS A 554 9.38 16.33 46.62
CA LYS A 554 9.86 15.02 46.22
C LYS A 554 11.07 15.14 45.31
N LYS A 555 12.01 14.20 45.47
CA LYS A 555 13.22 14.13 44.66
C LYS A 555 12.92 13.38 43.36
N PHE A 556 11.92 13.89 42.64
CA PHE A 556 11.51 13.30 41.36
C PHE A 556 12.68 13.37 40.39
N LEU A 557 13.18 12.19 40.00
CA LEU A 557 14.24 12.11 39.00
C LEU A 557 13.70 12.61 37.67
N PRO A 558 14.56 13.10 36.76
CA PRO A 558 14.07 13.70 35.52
C PRO A 558 13.12 12.84 34.71
N PHE A 559 13.37 11.54 34.65
CA PHE A 559 12.52 10.67 33.83
C PHE A 559 11.18 10.40 34.51
N GLN A 560 11.17 10.31 35.84
CA GLN A 560 9.96 10.01 36.60
C GLN A 560 8.88 11.04 36.34
N GLN A 561 7.67 10.56 36.08
CA GLN A 561 6.52 11.43 35.80
C GLN A 561 5.54 11.49 36.96
N PHE A 562 5.06 10.33 37.41
CA PHE A 562 4.05 10.26 38.46
C PHE A 562 4.50 9.27 39.53
N GLY A 563 4.01 9.50 40.75
CA GLY A 563 4.34 8.65 41.89
C GLY A 563 3.11 7.94 42.40
N ARG A 564 3.33 6.76 42.98
CA ARG A 564 2.25 5.92 43.48
C ARG A 564 2.41 5.70 44.98
N ASP A 565 1.27 5.45 45.64
CA ASP A 565 1.25 5.16 47.07
C ASP A 565 1.23 3.66 47.29
N ILE A 566 1.00 3.25 48.55
CA ILE A 566 0.96 1.84 48.89
C ILE A 566 -0.18 1.14 48.16
N ALA A 567 -1.29 1.84 47.94
CA ALA A 567 -2.44 1.29 47.23
C ALA A 567 -2.36 1.51 45.73
N ASP A 568 -1.19 1.89 45.22
CA ASP A 568 -0.97 2.18 43.80
C ASP A 568 -1.96 3.23 43.29
N THR A 569 -2.07 4.31 44.06
CA THR A 569 -2.89 5.46 43.70
C THR A 569 -1.98 6.63 43.41
N THR A 570 -2.25 7.35 42.31
CA THR A 570 -1.43 8.47 41.91
C THR A 570 -1.40 9.53 42.99
N ASP A 571 -0.22 9.74 43.59
CA ASP A 571 -0.08 10.70 44.68
C ASP A 571 0.74 11.93 44.32
N ALA A 572 1.66 11.80 43.36
CA ALA A 572 2.40 12.94 42.86
C ALA A 572 2.38 12.88 41.34
N VAL A 573 2.29 14.05 40.71
CA VAL A 573 2.20 14.14 39.26
C VAL A 573 3.07 15.28 38.77
N ARG A 574 3.73 15.08 37.63
CA ARG A 574 4.57 16.10 37.02
C ARG A 574 3.74 16.86 36.01
N ASP A 575 3.70 18.18 36.15
CA ASP A 575 2.88 19.00 35.26
C ASP A 575 3.43 18.91 33.84
N PRO A 576 2.59 18.55 32.86
CA PRO A 576 3.11 18.33 31.50
C PRO A 576 3.69 19.57 30.84
N GLN A 577 3.36 20.76 31.31
CA GLN A 577 3.85 21.99 30.70
C GLN A 577 5.01 22.60 31.48
N THR A 578 4.79 22.90 32.76
CA THR A 578 5.81 23.55 33.57
C THR A 578 6.87 22.56 34.07
N LEU A 579 6.59 21.26 34.00
CA LEU A 579 7.50 20.22 34.51
C LEU A 579 7.80 20.42 35.99
N GLU A 580 6.77 20.79 36.75
CA GLU A 580 6.86 20.89 38.20
C GLU A 580 6.07 19.75 38.85
N ILE A 581 6.42 19.46 40.10
CA ILE A 581 5.85 18.33 40.82
C ILE A 581 4.70 18.82 41.69
N LEU A 582 3.61 18.07 41.70
CA LEU A 582 2.43 18.40 42.49
C LEU A 582 1.98 17.18 43.29
N ASP A 583 1.88 17.35 44.60
CA ASP A 583 1.21 16.35 45.42
C ASP A 583 -0.31 16.51 45.29
N ILE A 584 -1.01 15.38 45.25
CA ILE A 584 -2.45 15.35 45.19
C ILE A 584 -2.97 14.85 46.53
N THR A 585 -3.77 15.66 47.21
CA THR A 585 -4.34 15.29 48.50
C THR A 585 -5.85 15.20 48.34
N PRO A 586 -6.49 14.09 48.71
CA PRO A 586 -7.95 14.00 48.58
C PRO A 586 -8.63 15.08 49.40
N CYS A 587 -9.74 15.60 48.87
CA CYS A 587 -10.46 16.65 49.55
C CYS A 587 -11.00 16.15 50.88
N SER A 588 -11.06 17.05 51.87
CA SER A 588 -11.40 16.66 53.23
C SER A 588 -12.77 15.97 53.27
N PHE A 589 -12.84 14.87 54.00
CA PHE A 589 -14.05 14.07 54.06
C PHE A 589 -14.05 13.27 55.37
N GLY A 590 -15.20 12.67 55.65
CA GLY A 590 -15.33 11.86 56.85
C GLY A 590 -16.78 11.58 57.14
N GLY A 591 -17.00 10.86 58.23
CA GLY A 591 -18.35 10.58 58.67
C GLY A 591 -18.88 11.66 59.60
N VAL A 592 -20.21 11.76 59.65
CA VAL A 592 -20.86 12.71 60.54
C VAL A 592 -21.18 12.07 61.88
N GLU B 1 22.57 -8.73 -12.72
CA GLU B 1 21.83 -7.78 -13.53
C GLU B 1 20.71 -8.48 -14.31
N VAL B 2 19.55 -7.85 -14.36
CA VAL B 2 18.40 -8.41 -15.06
C VAL B 2 18.59 -8.23 -16.56
N GLN B 3 18.46 -9.33 -17.31
CA GLN B 3 18.60 -9.31 -18.75
C GLN B 3 17.51 -10.17 -19.37
N LEU B 4 17.04 -9.77 -20.55
CA LEU B 4 16.00 -10.49 -21.27
C LEU B 4 16.42 -10.51 -22.75
N VAL B 5 17.14 -11.56 -23.14
CA VAL B 5 17.68 -11.68 -24.49
C VAL B 5 16.63 -12.35 -25.38
N GLN B 6 16.34 -11.73 -26.51
CA GLN B 6 15.35 -12.24 -27.44
C GLN B 6 16.02 -12.86 -28.66
N SER B 7 15.30 -13.79 -29.29
CA SER B 7 15.78 -14.45 -30.50
C SER B 7 14.58 -15.02 -31.24
N GLY B 8 14.79 -15.32 -32.52
CA GLY B 8 13.75 -15.88 -33.35
C GLY B 8 13.07 -14.90 -34.28
N GLY B 9 13.34 -13.61 -34.15
CA GLY B 9 12.74 -12.64 -35.04
C GLY B 9 13.29 -12.72 -36.45
N GLY B 10 12.52 -12.20 -37.39
CA GLY B 10 12.92 -12.20 -38.78
C GLY B 10 11.74 -11.91 -39.68
N LEU B 11 11.93 -12.20 -40.96
CA LEU B 11 10.92 -11.97 -41.99
C LEU B 11 10.24 -13.27 -42.36
N VAL B 12 8.96 -13.18 -42.73
CA VAL B 12 8.17 -14.34 -43.09
C VAL B 12 7.16 -13.95 -44.17
N LYS B 13 6.76 -14.94 -44.95
CA LYS B 13 5.71 -14.74 -45.95
C LYS B 13 4.35 -14.66 -45.26
N PRO B 14 3.38 -14.03 -45.91
CA PRO B 14 2.03 -14.00 -45.33
C PRO B 14 1.49 -15.40 -45.12
N GLY B 15 0.82 -15.59 -43.98
CA GLY B 15 0.32 -16.90 -43.60
C GLY B 15 1.33 -17.80 -42.93
N GLY B 16 2.57 -17.35 -42.76
CA GLY B 16 3.59 -18.15 -42.13
C GLY B 16 3.50 -18.12 -40.61
N SER B 17 4.52 -18.70 -39.98
CA SER B 17 4.60 -18.77 -38.53
C SER B 17 6.04 -18.59 -38.07
N LEU B 18 6.21 -17.92 -36.94
CA LEU B 18 7.51 -17.77 -36.30
C LEU B 18 7.35 -18.05 -34.82
N ARG B 19 8.47 -18.38 -34.17
CA ARG B 19 8.48 -18.80 -32.77
C ARG B 19 9.48 -17.92 -32.04
N LEU B 20 8.99 -16.81 -31.47
CA LEU B 20 9.85 -15.90 -30.72
C LEU B 20 10.22 -16.48 -29.36
N SER B 21 11.45 -16.24 -28.96
CA SER B 21 11.95 -16.69 -27.66
C SER B 21 12.50 -15.50 -26.90
N CYS B 22 12.39 -15.55 -25.57
CA CYS B 22 12.90 -14.50 -24.70
C CYS B 22 13.43 -15.15 -23.43
N ALA B 23 14.75 -15.27 -23.33
CA ALA B 23 15.38 -15.93 -22.19
C ALA B 23 15.71 -14.89 -21.12
N ALA B 24 15.26 -15.16 -19.90
CA ALA B 24 15.42 -14.23 -18.80
C ALA B 24 16.52 -14.68 -17.85
N SER B 25 17.16 -13.71 -17.21
CA SER B 25 18.22 -13.99 -16.26
C SER B 25 18.31 -12.84 -15.27
N GLY B 26 18.91 -13.12 -14.12
CA GLY B 26 19.09 -12.11 -13.09
C GLY B 26 17.92 -11.95 -12.14
N PHE B 27 16.84 -12.70 -12.33
CA PHE B 27 15.68 -12.63 -11.44
C PHE B 27 14.94 -13.95 -11.50
N SER B 28 14.05 -14.16 -10.53
CA SER B 28 13.28 -15.39 -10.44
C SER B 28 12.20 -15.37 -11.51
N PHE B 29 12.43 -16.12 -12.59
CA PHE B 29 11.46 -16.20 -13.68
C PHE B 29 10.15 -16.85 -13.24
N THR B 30 10.19 -17.67 -12.20
CA THR B 30 8.98 -18.38 -11.76
C THR B 30 7.93 -17.42 -11.23
N ASN B 31 8.35 -16.41 -10.48
CA ASN B 31 7.43 -15.52 -9.78
C ASN B 31 7.02 -14.30 -10.58
N ALA B 32 7.50 -14.15 -11.82
CA ALA B 32 7.26 -12.96 -12.60
C ALA B 32 6.36 -13.28 -13.79
N TRP B 33 5.28 -12.51 -13.94
CA TRP B 33 4.47 -12.60 -15.14
C TRP B 33 5.26 -12.09 -16.33
N MET B 34 4.93 -12.59 -17.52
CA MET B 34 5.60 -12.16 -18.74
C MET B 34 4.57 -11.70 -19.75
N ASN B 35 4.77 -10.51 -20.30
CA ASN B 35 3.87 -9.89 -21.26
C ASN B 35 4.61 -9.67 -22.58
N TRP B 36 3.86 -9.68 -23.67
CA TRP B 36 4.39 -9.37 -24.99
C TRP B 36 3.80 -8.06 -25.47
N VAL B 37 4.67 -7.12 -25.84
CA VAL B 37 4.26 -5.81 -26.32
C VAL B 37 4.93 -5.57 -27.66
N ARG B 38 4.17 -5.04 -28.62
CA ARG B 38 4.69 -4.76 -29.94
C ARG B 38 4.49 -3.29 -30.27
N GLN B 39 5.40 -2.77 -31.11
CA GLN B 39 5.35 -1.37 -31.53
C GLN B 39 5.43 -1.34 -33.05
N ALA B 40 4.33 -0.95 -33.70
CA ALA B 40 4.33 -0.83 -35.14
C ALA B 40 5.28 0.28 -35.59
N PRO B 41 5.87 0.17 -36.78
CA PRO B 41 6.82 1.20 -37.23
C PRO B 41 6.20 2.59 -37.30
N GLY B 42 6.70 3.50 -36.46
CA GLY B 42 6.17 4.84 -36.41
C GLY B 42 4.87 5.01 -35.67
N LYS B 43 4.43 3.98 -34.94
CA LYS B 43 3.17 4.02 -34.19
C LYS B 43 3.46 3.81 -32.71
N GLY B 44 2.41 3.93 -31.90
CA GLY B 44 2.54 3.73 -30.47
C GLY B 44 2.56 2.26 -30.09
N LEU B 45 2.87 2.01 -28.82
CA LEU B 45 2.93 0.65 -28.31
C LEU B 45 1.55 0.02 -28.33
N GLU B 46 1.49 -1.28 -28.63
CA GLU B 46 0.27 -2.06 -28.56
C GLU B 46 0.54 -3.33 -27.79
N TRP B 47 -0.40 -3.70 -26.92
CA TRP B 47 -0.25 -4.88 -26.08
C TRP B 47 -0.65 -6.13 -26.86
N VAL B 48 0.19 -7.16 -26.82
CA VAL B 48 -0.07 -8.38 -27.58
C VAL B 48 -0.77 -9.43 -26.72
N GLY B 49 -0.26 -9.69 -25.52
CA GLY B 49 -0.84 -10.72 -24.68
C GLY B 49 -0.10 -10.81 -23.36
N ARG B 50 -0.50 -11.80 -22.57
CA ARG B 50 0.06 -11.99 -21.25
C ARG B 50 -0.07 -13.45 -20.84
N ILE B 51 0.93 -13.95 -20.12
CA ILE B 51 0.85 -15.25 -19.46
C ILE B 51 1.23 -15.05 -18.00
N LYS B 52 0.41 -15.57 -17.10
CA LYS B 52 0.67 -15.41 -15.68
C LYS B 52 1.64 -16.47 -15.18
N SER B 53 2.10 -16.29 -13.95
CA SER B 53 3.01 -17.24 -13.35
C SER B 53 2.29 -18.56 -13.04
N LYS B 54 3.07 -19.62 -12.86
CA LYS B 54 2.49 -20.91 -12.52
C LYS B 54 1.83 -20.89 -11.14
N ALA B 55 2.32 -20.04 -10.24
CA ALA B 55 1.72 -19.92 -8.92
C ALA B 55 0.36 -19.26 -8.95
N ASP B 56 0.01 -18.58 -10.05
CA ASP B 56 -1.28 -17.92 -10.19
C ASP B 56 -2.16 -18.61 -11.23
N GLY B 57 -1.83 -19.85 -11.59
CA GLY B 57 -2.64 -20.63 -12.52
C GLY B 57 -2.14 -20.61 -13.95
N GLY B 58 -1.33 -19.63 -14.32
CA GLY B 58 -0.78 -19.59 -15.66
C GLY B 58 -1.78 -19.30 -16.76
N THR B 59 -2.89 -18.64 -16.44
CA THR B 59 -3.86 -18.29 -17.46
C THR B 59 -3.28 -17.27 -18.43
N THR B 60 -3.67 -17.39 -19.69
CA THR B 60 -3.14 -16.54 -20.75
C THR B 60 -4.24 -15.63 -21.28
N ASP B 61 -3.93 -14.34 -21.38
CA ASP B 61 -4.83 -13.36 -21.97
C ASP B 61 -4.20 -12.82 -23.25
N TYR B 62 -5.05 -12.53 -24.23
CA TYR B 62 -4.61 -12.04 -25.53
C TYR B 62 -5.44 -10.84 -25.93
N ALA B 63 -4.85 -9.98 -26.75
CA ALA B 63 -5.57 -8.84 -27.29
C ALA B 63 -6.63 -9.32 -28.28
N ALA B 64 -7.61 -8.44 -28.53
CA ALA B 64 -8.69 -8.79 -29.45
C ALA B 64 -8.20 -9.11 -30.86
N PRO B 65 -7.33 -8.30 -31.50
CA PRO B 65 -6.89 -8.65 -32.85
C PRO B 65 -6.06 -9.93 -32.93
N VAL B 66 -5.47 -10.38 -31.82
CA VAL B 66 -4.57 -11.52 -31.85
C VAL B 66 -5.03 -12.64 -30.90
N LYS B 67 -6.33 -12.66 -30.57
CA LYS B 67 -6.82 -13.69 -29.66
C LYS B 67 -6.75 -15.09 -30.28
N GLY B 68 -7.19 -15.22 -31.53
CA GLY B 68 -7.28 -16.50 -32.20
C GLY B 68 -6.09 -16.88 -33.06
N LYS B 69 -4.99 -16.13 -33.01
CA LYS B 69 -3.84 -16.44 -33.83
C LYS B 69 -2.56 -16.64 -33.03
N PHE B 70 -2.36 -15.93 -31.94
CA PHE B 70 -1.14 -16.01 -31.16
C PHE B 70 -1.28 -17.03 -30.04
N THR B 71 -0.15 -17.59 -29.62
CA THR B 71 -0.10 -18.51 -28.49
C THR B 71 1.14 -18.22 -27.68
N ILE B 72 0.94 -17.86 -26.41
CA ILE B 72 2.04 -17.51 -25.51
C ILE B 72 2.30 -18.69 -24.59
N SER B 73 3.55 -19.16 -24.57
CA SER B 73 3.95 -20.29 -23.74
C SER B 73 5.19 -19.91 -22.95
N ARG B 74 5.43 -20.66 -21.87
CA ARG B 74 6.58 -20.40 -21.01
C ARG B 74 7.14 -21.72 -20.52
N ASP B 75 8.42 -21.69 -20.14
CA ASP B 75 9.10 -22.85 -19.57
C ASP B 75 9.98 -22.35 -18.43
N ASP B 76 9.59 -22.68 -17.19
CA ASP B 76 10.37 -22.25 -16.04
C ASP B 76 11.71 -22.97 -15.96
N SER B 77 11.86 -24.10 -16.66
CA SER B 77 13.07 -24.89 -16.55
C SER B 77 14.29 -24.11 -17.05
N LYS B 78 14.19 -23.51 -18.23
CA LYS B 78 15.28 -22.73 -18.79
C LYS B 78 15.06 -21.23 -18.67
N ASN B 79 14.05 -20.81 -17.92
CA ASN B 79 13.71 -19.40 -17.73
C ASN B 79 13.53 -18.70 -19.07
N THR B 80 12.65 -19.26 -19.90
CA THR B 80 12.43 -18.76 -21.24
C THR B 80 10.93 -18.58 -21.48
N LEU B 81 10.59 -17.56 -22.27
CA LEU B 81 9.22 -17.26 -22.64
C LEU B 81 9.10 -17.32 -24.16
N TYR B 82 8.02 -17.93 -24.65
CA TYR B 82 7.85 -18.15 -26.07
C TYR B 82 6.52 -17.57 -26.55
N LEU B 83 6.56 -16.93 -27.71
CA LEU B 83 5.37 -16.42 -28.39
C LEU B 83 5.26 -17.08 -29.75
N GLN B 84 4.23 -17.91 -29.92
CA GLN B 84 3.96 -18.57 -31.19
C GLN B 84 2.85 -17.82 -31.90
N MET B 85 3.15 -17.30 -33.09
CA MET B 85 2.17 -16.61 -33.91
C MET B 85 2.03 -17.35 -35.25
N ASN B 86 0.78 -17.54 -35.67
CA ASN B 86 0.45 -18.27 -36.88
C ASN B 86 -0.58 -17.50 -37.69
N SER B 87 -0.64 -17.82 -38.99
CA SER B 87 -1.62 -17.25 -39.91
C SER B 87 -1.50 -15.72 -39.96
N LEU B 88 -0.29 -15.24 -40.24
CA LEU B 88 -0.01 -13.81 -40.20
C LEU B 88 -0.59 -13.09 -41.40
N LYS B 89 -0.80 -11.79 -41.23
CA LYS B 89 -1.24 -10.89 -42.28
C LYS B 89 -0.26 -9.73 -42.38
N THR B 90 -0.54 -8.80 -43.31
CA THR B 90 0.39 -7.70 -43.56
C THR B 90 0.43 -6.71 -42.41
N GLU B 91 -0.54 -6.74 -41.50
CA GLU B 91 -0.65 -5.77 -40.43
C GLU B 91 0.05 -6.20 -39.14
N ASP B 92 0.69 -7.36 -39.12
CA ASP B 92 1.33 -7.86 -37.92
C ASP B 92 2.79 -7.46 -37.79
N THR B 93 3.33 -6.70 -38.74
CA THR B 93 4.72 -6.28 -38.66
C THR B 93 4.91 -5.24 -37.56
N ALA B 94 5.89 -5.47 -36.69
CA ALA B 94 6.19 -4.59 -35.57
C ALA B 94 7.44 -5.12 -34.88
N ILE B 95 7.95 -4.33 -33.94
CA ILE B 95 9.06 -4.74 -33.08
C ILE B 95 8.47 -5.25 -31.78
N TYR B 96 8.73 -6.51 -31.47
CA TYR B 96 8.10 -7.18 -30.33
C TYR B 96 9.05 -7.15 -29.12
N TYR B 97 8.53 -6.69 -27.99
CA TYR B 97 9.28 -6.68 -26.74
C TYR B 97 8.69 -7.71 -25.79
N CYS B 98 9.56 -8.41 -25.07
CA CYS B 98 9.13 -9.27 -23.98
C CYS B 98 9.36 -8.52 -22.67
N THR B 99 8.30 -8.39 -21.87
CA THR B 99 8.34 -7.60 -20.65
C THR B 99 7.98 -8.48 -19.46
N SER B 100 8.46 -8.06 -18.29
CA SER B 100 8.23 -8.79 -17.05
C SER B 100 7.38 -7.95 -16.09
N ASP B 101 6.75 -8.63 -15.15
CA ASP B 101 5.91 -8.02 -14.13
C ASP B 101 6.38 -8.43 -12.74
N VAL B 102 7.68 -8.24 -12.48
CA VAL B 102 8.27 -8.66 -11.22
C VAL B 102 7.49 -8.07 -10.05
N TYR B 103 7.24 -8.91 -9.05
CA TYR B 103 6.48 -8.53 -7.87
C TYR B 103 7.43 -8.48 -6.68
N ASP B 104 7.47 -7.33 -6.01
CA ASP B 104 8.32 -7.17 -4.83
C ASP B 104 7.68 -7.84 -3.62
N PHE B 105 8.14 -9.03 -3.27
CA PHE B 105 7.56 -9.77 -2.16
C PHE B 105 7.98 -9.23 -0.80
N SER B 106 8.93 -8.30 -0.73
CA SER B 106 9.44 -7.85 0.57
C SER B 106 8.69 -6.63 1.08
N THR B 107 8.71 -5.55 0.30
CA THR B 107 8.13 -4.28 0.74
C THR B 107 6.63 -4.41 1.01
N GLY B 108 5.91 -5.11 0.12
CA GLY B 108 4.48 -5.24 0.27
C GLY B 108 3.72 -4.47 -0.79
N PHE B 109 4.23 -3.28 -1.14
CA PHE B 109 3.64 -2.44 -2.18
C PHE B 109 4.21 -2.91 -3.52
N GLY B 110 3.78 -4.09 -3.95
CA GLY B 110 4.27 -4.64 -5.19
C GLY B 110 3.20 -4.75 -6.26
N GLN B 111 3.34 -3.99 -7.34
CA GLN B 111 2.41 -4.09 -8.45
C GLN B 111 2.60 -5.42 -9.17
N ARG B 112 1.54 -5.89 -9.81
CA ARG B 112 1.60 -7.12 -10.58
C ARG B 112 1.37 -6.90 -12.08
N ASP B 113 0.89 -5.74 -12.49
CA ASP B 113 0.61 -5.48 -13.89
C ASP B 113 1.35 -4.25 -14.38
N ASP B 114 2.63 -4.16 -14.04
CA ASP B 114 3.51 -3.09 -14.50
C ASP B 114 4.71 -3.73 -15.17
N PHE B 115 5.07 -3.24 -16.36
CA PHE B 115 6.17 -3.80 -17.14
C PHE B 115 7.49 -3.29 -16.58
N ASP B 116 7.99 -4.01 -15.56
CA ASP B 116 9.18 -3.57 -14.85
C ASP B 116 10.41 -3.59 -15.74
N TYR B 117 10.65 -4.72 -16.41
CA TYR B 117 11.84 -4.90 -17.25
C TYR B 117 11.42 -5.25 -18.66
N TRP B 118 12.16 -4.73 -19.64
CA TRP B 118 11.85 -4.92 -21.04
C TRP B 118 13.03 -5.55 -21.76
N GLY B 119 12.74 -6.40 -22.74
CA GLY B 119 13.78 -6.93 -23.60
C GLY B 119 14.23 -5.90 -24.62
N GLN B 120 15.33 -6.23 -25.31
CA GLN B 120 15.85 -5.32 -26.33
C GLN B 120 14.96 -5.25 -27.55
N GLY B 121 14.01 -6.17 -27.72
CA GLY B 121 13.11 -6.13 -28.84
C GLY B 121 13.68 -6.77 -30.10
N THR B 122 12.84 -7.49 -30.84
CA THR B 122 13.22 -8.10 -32.10
C THR B 122 12.24 -7.67 -33.17
N LEU B 123 12.74 -7.56 -34.40
CA LEU B 123 11.95 -7.08 -35.52
C LEU B 123 11.33 -8.24 -36.27
N VAL B 124 10.02 -8.19 -36.46
CA VAL B 124 9.28 -9.20 -37.21
C VAL B 124 8.59 -8.51 -38.37
N THR B 125 8.84 -9.00 -39.58
CA THR B 125 8.31 -8.38 -40.79
C THR B 125 7.51 -9.42 -41.58
N VAL B 126 6.35 -9.01 -42.08
CA VAL B 126 5.48 -9.85 -42.89
C VAL B 126 5.40 -9.23 -44.27
N SER B 127 5.94 -9.93 -45.26
CA SER B 127 5.94 -9.45 -46.64
C SER B 127 6.00 -10.63 -47.59
N SER B 128 5.63 -10.39 -48.83
CA SER B 128 5.63 -11.42 -49.86
C SER B 128 7.05 -11.84 -50.21
N ASP C 1 -12.73 -3.64 -24.23
CA ASP C 1 -11.56 -2.77 -24.10
C ASP C 1 -11.96 -1.38 -23.62
N ILE C 2 -11.01 -0.64 -23.05
CA ILE C 2 -11.24 0.72 -22.57
C ILE C 2 -10.57 1.68 -23.54
N VAL C 3 -11.35 2.66 -24.02
CA VAL C 3 -10.80 3.70 -24.88
C VAL C 3 -9.96 4.65 -24.04
N MET C 4 -8.77 4.97 -24.51
CA MET C 4 -7.80 5.73 -23.71
C MET C 4 -7.15 6.77 -24.60
N THR C 5 -7.23 8.05 -24.20
CA THR C 5 -6.77 9.16 -25.01
C THR C 5 -5.77 10.00 -24.23
N GLN C 6 -4.70 10.42 -24.92
CA GLN C 6 -3.70 11.33 -24.37
C GLN C 6 -3.93 12.74 -24.89
N SER C 7 -3.43 13.71 -24.12
CA SER C 7 -3.58 15.11 -24.50
C SER C 7 -2.47 15.90 -23.82
N PRO C 8 -1.66 16.65 -24.58
CA PRO C 8 -1.67 16.76 -26.04
C PRO C 8 -0.85 15.66 -26.69
N SER C 9 -0.47 15.82 -27.97
CA SER C 9 0.37 14.84 -28.64
C SER C 9 1.53 15.48 -29.39
N SER C 10 1.73 16.79 -29.24
CA SER C 10 2.85 17.44 -29.90
C SER C 10 3.52 18.49 -29.02
N LEU C 11 3.33 18.46 -27.71
CA LEU C 11 3.85 19.52 -26.84
C LEU C 11 5.37 19.55 -26.86
N SER C 12 5.94 20.75 -26.84
CA SER C 12 7.37 20.94 -26.78
C SER C 12 7.70 22.02 -25.76
N ALA C 13 8.90 21.94 -25.19
CA ALA C 13 9.35 22.91 -24.22
C ALA C 13 10.87 22.91 -24.19
N SER C 14 11.44 23.98 -23.63
CA SER C 14 12.88 24.13 -23.52
C SER C 14 13.35 23.63 -22.16
N VAL C 15 14.67 23.71 -21.95
CA VAL C 15 15.25 23.22 -20.69
C VAL C 15 14.79 24.10 -19.54
N GLY C 16 14.64 23.50 -18.37
CA GLY C 16 14.18 24.21 -17.19
C GLY C 16 12.74 24.68 -17.30
N ASP C 17 11.86 23.86 -17.87
CA ASP C 17 10.46 24.21 -18.04
C ASP C 17 9.59 23.14 -17.39
N ARG C 18 8.35 23.50 -17.11
CA ARG C 18 7.37 22.60 -16.52
C ARG C 18 6.48 22.02 -17.61
N VAL C 19 6.36 20.70 -17.63
CA VAL C 19 5.57 19.99 -18.62
C VAL C 19 4.54 19.12 -17.93
N THR C 20 3.29 19.21 -18.37
CA THR C 20 2.21 18.39 -17.85
C THR C 20 1.54 17.65 -18.98
N ILE C 21 1.37 16.33 -18.82
CA ILE C 21 0.74 15.47 -19.82
C ILE C 21 -0.53 14.90 -19.20
N THR C 22 -1.64 15.07 -19.90
CA THR C 22 -2.95 14.66 -19.39
C THR C 22 -3.40 13.38 -20.09
N CYS C 23 -3.89 12.43 -19.30
CA CYS C 23 -4.30 11.12 -19.80
C CYS C 23 -5.69 10.82 -19.26
N ARG C 24 -6.65 10.64 -20.16
CA ARG C 24 -8.05 10.46 -19.80
C ARG C 24 -8.52 9.07 -20.19
N ALA C 25 -9.22 8.41 -19.26
CA ALA C 25 -9.77 7.08 -19.49
C ALA C 25 -11.27 7.16 -19.73
N SER C 26 -11.77 6.24 -20.55
CA SER C 26 -13.20 6.22 -20.89
C SER C 26 -14.08 5.80 -19.72
N GLN C 27 -13.51 5.27 -18.65
CA GLN C 27 -14.27 4.85 -17.49
C GLN C 27 -13.36 4.87 -16.28
N SER C 28 -13.96 4.73 -15.10
CA SER C 28 -13.20 4.76 -13.86
C SER C 28 -12.26 3.56 -13.81
N ILE C 29 -10.97 3.84 -13.66
CA ILE C 29 -9.95 2.80 -13.59
C ILE C 29 -9.18 2.86 -12.27
N SER C 30 -9.74 3.56 -11.28
CA SER C 30 -9.17 3.67 -9.93
C SER C 30 -7.76 4.24 -10.05
N TYR C 31 -6.71 3.51 -9.67
CA TYR C 31 -5.34 3.99 -9.73
C TYR C 31 -4.47 3.13 -10.62
N PHE C 32 -5.07 2.28 -11.46
CA PHE C 32 -4.31 1.36 -12.29
C PHE C 32 -3.94 2.06 -13.60
N LEU C 33 -2.90 2.90 -13.51
CA LEU C 33 -2.37 3.58 -14.68
C LEU C 33 -0.88 3.77 -14.48
N ASN C 34 -0.10 3.50 -15.53
CA ASN C 34 1.34 3.56 -15.48
C ASN C 34 1.87 4.46 -16.59
N TRP C 35 2.99 5.12 -16.33
CA TRP C 35 3.60 6.05 -17.26
C TRP C 35 4.95 5.50 -17.71
N TYR C 36 5.16 5.42 -19.02
CA TYR C 36 6.38 4.90 -19.60
C TYR C 36 7.07 5.97 -20.43
N GLN C 37 8.39 5.87 -20.53
CA GLN C 37 9.19 6.78 -21.34
C GLN C 37 9.97 5.98 -22.37
N GLN C 38 9.83 6.35 -23.64
CA GLN C 38 10.53 5.67 -24.73
C GLN C 38 11.38 6.68 -25.49
N LYS C 39 12.68 6.52 -25.39
CA LYS C 39 13.53 7.36 -26.23
C LYS C 39 13.60 6.77 -27.64
N PRO C 40 13.85 7.60 -28.65
CA PRO C 40 13.94 7.07 -30.02
C PRO C 40 14.99 5.99 -30.15
N GLY C 41 14.59 4.87 -30.75
CA GLY C 41 15.50 3.76 -30.95
C GLY C 41 15.88 2.99 -29.71
N LYS C 42 15.04 3.00 -28.68
CA LYS C 42 15.33 2.32 -27.43
C LYS C 42 14.05 1.71 -26.87
N ALA C 43 14.23 0.76 -25.96
CA ALA C 43 13.10 0.13 -25.30
C ALA C 43 12.47 1.10 -24.30
N PRO C 44 11.16 1.03 -24.13
CA PRO C 44 10.49 1.91 -23.15
C PRO C 44 10.94 1.61 -21.73
N LYS C 45 10.84 2.63 -20.89
CA LYS C 45 11.23 2.55 -19.49
C LYS C 45 10.07 2.96 -18.61
N LEU C 46 9.86 2.20 -17.53
CA LEU C 46 8.79 2.52 -16.60
C LEU C 46 9.19 3.72 -15.74
N LEU C 47 8.31 4.70 -15.63
CA LEU C 47 8.55 5.90 -14.82
C LEU C 47 7.62 5.99 -13.62
N ILE C 48 6.31 5.94 -13.84
CA ILE C 48 5.33 6.07 -12.78
C ILE C 48 4.48 4.81 -12.75
N SER C 49 4.34 4.21 -11.56
CA SER C 49 3.46 3.07 -11.36
C SER C 49 2.32 3.48 -10.45
N ALA C 50 1.15 2.89 -10.70
CA ALA C 50 -0.09 3.20 -9.96
C ALA C 50 -0.45 4.67 -10.04
N ALA C 51 0.06 5.38 -11.05
CA ALA C 51 -0.32 6.75 -11.38
C ALA C 51 0.13 7.77 -10.34
N SER C 52 0.71 7.31 -9.23
CA SER C 52 1.19 8.24 -8.22
C SER C 52 2.53 7.85 -7.61
N SER C 53 3.11 6.70 -7.96
CA SER C 53 4.30 6.18 -7.32
C SER C 53 5.48 6.29 -8.26
N LEU C 54 6.54 6.97 -7.81
CA LEU C 54 7.78 7.01 -8.58
C LEU C 54 8.46 5.65 -8.59
N GLN C 55 9.06 5.31 -9.71
CA GLN C 55 9.78 4.05 -9.85
C GLN C 55 11.24 4.24 -9.45
N SER C 56 11.81 3.17 -8.87
CA SER C 56 13.20 3.24 -8.44
C SER C 56 14.13 3.48 -9.63
N GLY C 57 15.11 4.36 -9.42
CA GLY C 57 16.01 4.74 -10.49
C GLY C 57 15.54 5.93 -11.32
N VAL C 58 14.34 6.44 -11.07
CA VAL C 58 13.82 7.58 -11.81
C VAL C 58 14.10 8.85 -11.02
N PRO C 59 14.60 9.91 -11.66
CA PRO C 59 14.82 11.17 -10.94
C PRO C 59 13.53 11.73 -10.38
N SER C 60 13.65 12.45 -9.28
CA SER C 60 12.49 12.96 -8.54
C SER C 60 11.71 14.02 -9.30
N ARG C 61 12.25 14.54 -10.40
CA ARG C 61 11.54 15.58 -11.15
C ARG C 61 10.30 15.06 -11.86
N PHE C 62 10.10 13.75 -11.92
CA PHE C 62 8.89 13.17 -12.49
C PHE C 62 7.89 12.88 -11.37
N SER C 63 6.67 13.39 -11.53
CA SER C 63 5.63 13.23 -10.52
C SER C 63 4.33 12.83 -11.18
N GLY C 64 3.58 11.95 -10.50
CA GLY C 64 2.30 11.51 -10.99
C GLY C 64 1.20 11.86 -10.01
N SER C 65 0.01 12.14 -10.55
CA SER C 65 -1.13 12.51 -9.73
C SER C 65 -2.41 12.20 -10.50
N GLY C 66 -3.51 12.20 -9.78
CA GLY C 66 -4.82 11.97 -10.34
C GLY C 66 -5.36 10.59 -9.98
N SER C 67 -6.64 10.41 -10.27
CA SER C 67 -7.35 9.16 -10.04
C SER C 67 -8.66 9.23 -10.80
N GLY C 68 -9.46 8.16 -10.72
CA GLY C 68 -10.71 8.11 -11.43
C GLY C 68 -10.54 8.05 -12.94
N THR C 69 -10.89 9.15 -13.62
CA THR C 69 -10.82 9.20 -15.07
C THR C 69 -9.84 10.24 -15.60
N ASP C 70 -9.10 10.92 -14.74
CA ASP C 70 -8.14 11.93 -15.18
C ASP C 70 -6.82 11.72 -14.44
N PHE C 71 -5.73 11.66 -15.21
CA PHE C 71 -4.40 11.48 -14.65
C PHE C 71 -3.46 12.48 -15.29
N THR C 72 -2.42 12.85 -14.56
CA THR C 72 -1.46 13.85 -15.01
C THR C 72 -0.05 13.46 -14.61
N LEU C 73 0.88 13.66 -15.53
CA LEU C 73 2.31 13.50 -15.28
C LEU C 73 2.98 14.86 -15.38
N THR C 74 3.72 15.24 -14.34
CA THR C 74 4.32 16.56 -14.25
C THR C 74 5.83 16.43 -14.16
N ILE C 75 6.52 17.19 -14.99
CA ILE C 75 7.98 17.31 -14.95
C ILE C 75 8.30 18.73 -14.46
N SER C 76 8.88 18.83 -13.27
CA SER C 76 9.08 20.13 -12.65
C SER C 76 10.09 20.97 -13.44
N SER C 77 11.25 20.39 -13.74
CA SER C 77 12.32 21.09 -14.44
C SER C 77 12.79 20.20 -15.59
N LEU C 78 12.39 20.57 -16.81
CA LEU C 78 12.75 19.78 -17.97
C LEU C 78 14.26 19.78 -18.19
N GLN C 79 14.78 18.66 -18.68
CA GLN C 79 16.20 18.44 -18.88
C GLN C 79 16.48 18.00 -20.31
N PRO C 80 17.70 18.15 -20.79
CA PRO C 80 18.01 17.72 -22.17
C PRO C 80 17.76 16.25 -22.42
N GLU C 81 17.81 15.42 -21.38
CA GLU C 81 17.57 13.99 -21.52
C GLU C 81 16.12 13.60 -21.31
N ASP C 82 15.22 14.56 -21.12
CA ASP C 82 13.81 14.28 -20.89
C ASP C 82 12.98 14.36 -22.16
N PHE C 83 13.60 14.61 -23.31
CA PHE C 83 12.87 14.67 -24.59
C PHE C 83 12.70 13.25 -25.12
N ALA C 84 11.48 12.75 -25.07
CA ALA C 84 11.17 11.38 -25.49
C ALA C 84 9.66 11.29 -25.69
N THR C 85 9.17 10.06 -25.90
CA THR C 85 7.75 9.79 -26.06
C THR C 85 7.22 9.15 -24.79
N TYR C 86 6.14 9.71 -24.26
CA TYR C 86 5.56 9.25 -23.00
C TYR C 86 4.23 8.56 -23.27
N TYR C 87 4.05 7.38 -22.66
CA TYR C 87 2.84 6.58 -22.83
C TYR C 87 2.21 6.34 -21.47
N CYS C 88 0.90 6.48 -21.39
CA CYS C 88 0.14 6.13 -20.21
C CYS C 88 -0.65 4.85 -20.48
N GLN C 89 -0.48 3.85 -19.63
CA GLN C 89 -1.04 2.52 -19.83
C GLN C 89 -1.93 2.15 -18.66
N GLN C 90 -3.12 1.63 -18.96
CA GLN C 90 -4.07 1.20 -17.94
C GLN C 90 -4.00 -0.31 -17.76
N SER C 91 -4.15 -0.75 -16.52
CA SER C 91 -4.19 -2.17 -16.20
C SER C 91 -5.46 -2.55 -15.46
N TYR C 92 -6.49 -1.71 -15.52
CA TYR C 92 -7.73 -1.99 -14.83
C TYR C 92 -8.42 -3.22 -15.40
N SER C 93 -8.44 -3.36 -16.72
CA SER C 93 -9.10 -4.47 -17.37
C SER C 93 -8.09 -5.57 -17.71
N SER C 94 -8.61 -6.73 -18.11
CA SER C 94 -7.76 -7.82 -18.54
C SER C 94 -7.16 -7.57 -19.92
N LEU C 95 -7.76 -6.67 -20.70
CA LEU C 95 -7.24 -6.31 -22.02
C LEU C 95 -6.53 -4.96 -21.87
N ILE C 96 -5.22 -5.02 -21.65
CA ILE C 96 -4.42 -3.83 -21.41
C ILE C 96 -4.31 -3.02 -22.70
N THR C 97 -4.54 -1.71 -22.59
CA THR C 97 -4.43 -0.80 -23.72
C THR C 97 -3.49 0.34 -23.38
N PHE C 98 -2.64 0.71 -24.33
CA PHE C 98 -1.72 1.82 -24.15
C PHE C 98 -2.37 3.13 -24.57
N GLY C 99 -1.69 4.23 -24.25
CA GLY C 99 -2.15 5.54 -24.64
C GLY C 99 -1.81 5.86 -26.08
N GLY C 100 -2.22 7.05 -26.51
CA GLY C 100 -1.94 7.50 -27.86
C GLY C 100 -0.50 7.93 -28.10
N GLY C 101 0.23 8.25 -27.04
CA GLY C 101 1.61 8.66 -27.16
C GLY C 101 1.79 10.16 -27.32
N THR C 102 2.58 10.76 -26.43
CA THR C 102 2.87 12.19 -26.46
C THR C 102 4.35 12.37 -26.72
N LYS C 103 4.68 13.17 -27.74
CA LYS C 103 6.06 13.42 -28.12
C LYS C 103 6.48 14.79 -27.56
N VAL C 104 7.50 14.78 -26.71
CA VAL C 104 8.04 15.99 -26.11
C VAL C 104 9.38 16.29 -26.79
N GLU C 105 9.46 17.44 -27.45
CA GLU C 105 10.62 17.80 -28.26
C GLU C 105 11.20 19.12 -27.77
N ILE C 106 12.18 19.63 -28.52
CA ILE C 106 12.84 20.87 -28.20
C ILE C 106 12.39 21.95 -29.18
N LYS C 107 12.55 23.21 -28.77
CA LYS C 107 12.22 24.34 -29.62
C LYS C 107 13.34 24.67 -30.58
#